data_7T4Z
#
_entry.id   7T4Z
#
_cell.length_a   106.492
_cell.length_b   128.908
_cell.length_c   67.687
_cell.angle_alpha   90.000
_cell.angle_beta   90.000
_cell.angle_gamma   90.000
#
_symmetry.space_group_name_H-M   'C 2 2 21'
#
loop_
_entity.id
_entity.type
_entity.pdbx_description
1 polymer 'Molybdate-binding periplasmic protein'
2 non-polymer GLYCEROL
3 non-polymer 'AMMONIUM ION'
4 non-polymer 'SULFATE ION'
5 water water
#
_entity_poly.entity_id   1
_entity_poly.type   'polypeptide(L)'
_entity_poly.pdbx_seq_one_letter_code
;SNADEVQVAVAANFTAPIQAIAKEFEKDTGHRLVAAYGATGQFYTQIKNGAPFQVFLSADDSTPAKLEQEGEVVPGSRFT
YAIGTLALWSPKAGYVDAEGEVLKSGSFRHLSIANPKTAPYGLAATQAMDKLGLAATLGPKLVEGQNISQAYQFVSSGNA
ELGFVALSQIYKDGKVATGSAWIVPTELHDPIRQDAVILNKGKDNAAAKALVDYLKGAKAAALIKSYGYEL
;
_entity_poly.pdbx_strand_id   A,B
#
# COMPACT_ATOMS: atom_id res chain seq x y z
N ALA A 3 15.91 -38.94 2.68
CA ALA A 3 15.86 -37.54 2.30
C ALA A 3 16.61 -36.68 3.32
N ASP A 4 17.80 -36.23 2.93
CA ASP A 4 18.70 -35.54 3.84
C ASP A 4 18.15 -34.17 4.25
N GLU A 5 18.71 -33.63 5.33
CA GLU A 5 18.32 -32.30 5.77
C GLU A 5 19.23 -31.27 5.12
N VAL A 6 18.80 -30.02 5.15
CA VAL A 6 19.60 -28.92 4.63
C VAL A 6 19.76 -27.89 5.74
N GLN A 7 21.00 -27.54 6.04
CA GLN A 7 21.27 -26.50 7.02
C GLN A 7 21.36 -25.16 6.30
N VAL A 8 20.58 -24.19 6.74
CA VAL A 8 20.44 -22.92 6.06
C VAL A 8 20.72 -21.82 7.06
N ALA A 9 21.57 -20.86 6.67
CA ALA A 9 21.77 -19.62 7.42
C ALA A 9 20.82 -18.58 6.84
N VAL A 10 19.97 -17.98 7.68
CA VAL A 10 18.91 -17.08 7.23
C VAL A 10 19.04 -15.74 7.92
N ALA A 11 19.22 -14.69 7.14
CA ALA A 11 19.14 -13.34 7.68
C ALA A 11 17.84 -13.16 8.45
N ALA A 12 17.93 -12.56 9.64
CA ALA A 12 16.80 -12.51 10.55
C ALA A 12 15.63 -11.77 9.93
N ASN A 13 15.90 -10.89 8.97
CA ASN A 13 14.84 -10.18 8.24
C ASN A 13 13.83 -11.16 7.66
N PHE A 14 14.28 -12.37 7.30
CA PHE A 14 13.51 -13.35 6.53
C PHE A 14 13.04 -14.52 7.38
N THR A 15 12.98 -14.34 8.71
CA THR A 15 12.67 -15.45 9.62
C THR A 15 11.29 -16.02 9.33
N ALA A 16 10.26 -15.18 9.40
CA ALA A 16 8.90 -15.68 9.25
C ALA A 16 8.67 -16.37 7.90
N PRO A 17 9.07 -15.80 6.76
CA PRO A 17 8.85 -16.51 5.49
C PRO A 17 9.58 -17.83 5.39
N ILE A 18 10.81 -17.93 5.89
CA ILE A 18 11.48 -19.22 5.72
C ILE A 18 10.86 -20.26 6.64
N GLN A 19 10.31 -19.85 7.79
CA GLN A 19 9.61 -20.81 8.64
C GLN A 19 8.39 -21.38 7.93
N ALA A 20 7.64 -20.52 7.24
CA ALA A 20 6.48 -20.98 6.48
C ALA A 20 6.91 -21.83 5.28
N ILE A 21 7.97 -21.39 4.58
CA ILE A 21 8.48 -22.15 3.45
C ILE A 21 8.94 -23.53 3.92
N ALA A 22 9.59 -23.58 5.08
CA ALA A 22 10.15 -24.83 5.58
C ALA A 22 9.06 -25.86 5.79
N LYS A 23 7.90 -25.46 6.29
CA LYS A 23 6.81 -26.41 6.49
C LYS A 23 6.39 -27.03 5.17
N GLU A 24 6.22 -26.20 4.14
CA GLU A 24 5.81 -26.71 2.83
C GLU A 24 6.94 -27.50 2.17
N PHE A 25 8.16 -27.00 2.29
CA PHE A 25 9.32 -27.67 1.70
C PHE A 25 9.49 -29.08 2.27
N GLU A 26 9.28 -29.23 3.58
CA GLU A 26 9.42 -30.53 4.21
C GLU A 26 8.22 -31.43 3.91
N LYS A 27 7.01 -30.86 3.91
CA LYS A 27 5.83 -31.64 3.58
C LYS A 27 5.88 -32.13 2.14
N ASP A 28 6.49 -31.35 1.24
CA ASP A 28 6.47 -31.67 -0.18
C ASP A 28 7.69 -32.44 -0.65
N THR A 29 8.83 -32.34 0.05
CA THR A 29 10.05 -32.98 -0.40
C THR A 29 10.63 -33.96 0.61
N GLY A 30 10.17 -33.94 1.86
CA GLY A 30 10.76 -34.74 2.89
C GLY A 30 12.07 -34.20 3.43
N HIS A 31 12.68 -33.22 2.77
CA HIS A 31 13.88 -32.62 3.30
C HIS A 31 13.52 -31.77 4.52
N ARG A 32 14.20 -32.03 5.64
CA ARG A 32 14.01 -31.20 6.81
C ARG A 32 14.92 -29.99 6.69
N LEU A 33 14.38 -28.83 6.98
CA LEU A 33 15.11 -27.58 6.89
C LEU A 33 15.52 -27.15 8.30
N VAL A 34 16.83 -27.04 8.50
CA VAL A 34 17.41 -26.65 9.79
C VAL A 34 18.00 -25.25 9.61
N ALA A 35 17.33 -24.24 10.15
CA ALA A 35 17.70 -22.85 9.95
C ALA A 35 18.35 -22.26 11.19
N ALA A 36 19.39 -21.46 10.99
CA ALA A 36 19.89 -20.54 11.98
C ALA A 36 19.57 -19.12 11.51
N TYR A 37 19.22 -18.25 12.45
CA TYR A 37 18.82 -16.87 12.17
C TYR A 37 19.82 -15.90 12.78
N GLY A 38 20.13 -14.84 12.05
CA GLY A 38 21.07 -13.86 12.56
C GLY A 38 21.23 -12.74 11.56
N ALA A 39 22.12 -11.83 11.90
CA ALA A 39 22.41 -10.73 11.00
C ALA A 39 23.34 -11.22 9.90
N THR A 40 23.20 -10.58 8.73
CA THR A 40 23.99 -10.95 7.57
C THR A 40 25.48 -10.96 7.89
N GLY A 41 25.96 -9.94 8.62
CA GLY A 41 27.38 -9.87 8.92
C GLY A 41 27.87 -10.95 9.87
N GLN A 42 26.98 -11.45 10.73
CA GLN A 42 27.34 -12.53 11.62
C GLN A 42 27.56 -13.83 10.85
N PHE A 43 26.72 -14.08 9.85
CA PHE A 43 26.93 -15.24 8.98
C PHE A 43 28.14 -15.06 8.08
N TYR A 44 28.38 -13.82 7.62
CA TYR A 44 29.59 -13.57 6.84
C TYR A 44 30.84 -13.95 7.61
N THR A 45 30.96 -13.47 8.85
CA THR A 45 32.15 -13.80 9.63
C THR A 45 32.23 -15.29 9.89
N GLN A 46 31.09 -15.93 10.15
CA GLN A 46 31.13 -17.36 10.45
C GLN A 46 31.51 -18.19 9.23
N ILE A 47 30.91 -17.90 8.07
CA ILE A 47 31.21 -18.66 6.85
C ILE A 47 32.68 -18.52 6.49
N LYS A 48 33.22 -17.32 6.64
CA LYS A 48 34.65 -17.11 6.41
C LYS A 48 35.50 -17.96 7.35
N ASN A 49 35.15 -18.00 8.63
CA ASN A 49 35.90 -18.77 9.62
C ASN A 49 35.61 -20.26 9.59
N GLY A 50 34.60 -20.71 8.85
CA GLY A 50 34.18 -22.10 8.85
C GLY A 50 32.81 -22.33 9.47
N ALA A 51 31.84 -22.78 8.68
CA ALA A 51 30.45 -22.92 9.10
C ALA A 51 29.85 -24.20 8.52
N PRO A 52 28.76 -24.69 9.10
CA PRO A 52 28.13 -25.95 8.65
C PRO A 52 27.05 -25.79 7.60
N PHE A 53 26.73 -24.58 7.19
CA PHE A 53 25.57 -24.36 6.34
C PHE A 53 25.85 -24.82 4.92
N GLN A 54 24.78 -25.25 4.24
CA GLN A 54 24.85 -25.52 2.81
C GLN A 54 24.22 -24.43 1.97
N VAL A 55 23.34 -23.60 2.56
CA VAL A 55 22.72 -22.47 1.87
C VAL A 55 22.72 -21.27 2.81
N PHE A 56 22.96 -20.08 2.25
CA PHE A 56 22.96 -18.82 2.98
C PHE A 56 21.99 -17.87 2.30
N LEU A 57 20.97 -17.42 3.04
CA LEU A 57 20.01 -16.44 2.55
C LEU A 57 20.38 -15.10 3.19
N SER A 58 21.04 -14.24 2.42
CA SER A 58 21.48 -12.94 2.95
C SER A 58 20.34 -11.92 2.91
N ALA A 59 20.50 -10.85 3.69
CA ALA A 59 19.58 -9.70 3.60
C ALA A 59 20.09 -8.63 2.65
N ASP A 60 21.16 -8.91 1.92
CA ASP A 60 21.71 -7.97 0.94
C ASP A 60 22.19 -8.78 -0.26
N ASP A 61 22.82 -8.11 -1.22
CA ASP A 61 23.47 -8.82 -2.30
C ASP A 61 24.98 -8.67 -2.28
N SER A 62 25.52 -7.71 -1.55
CA SER A 62 26.98 -7.55 -1.53
C SER A 62 27.67 -8.65 -0.72
N THR A 63 27.04 -9.15 0.32
CA THR A 63 27.76 -10.09 1.16
C THR A 63 27.87 -11.46 0.48
N PRO A 64 26.82 -11.99 -0.16
CA PRO A 64 27.03 -13.21 -0.96
C PRO A 64 28.04 -13.03 -2.07
N ALA A 65 28.09 -11.85 -2.68
CA ALA A 65 29.02 -11.62 -3.76
C ALA A 65 30.46 -11.60 -3.24
N LYS A 66 30.68 -10.98 -2.08
CA LYS A 66 31.98 -10.99 -1.44
C LYS A 66 32.43 -12.42 -1.10
N LEU A 67 31.52 -13.24 -0.57
CA LEU A 67 31.89 -14.61 -0.25
C LEU A 67 32.27 -15.38 -1.50
N GLU A 68 31.59 -15.12 -2.61
CA GLU A 68 31.98 -15.74 -3.87
C GLU A 68 33.37 -15.28 -4.31
N GLN A 69 33.64 -13.98 -4.20
CA GLN A 69 34.96 -13.46 -4.54
C GLN A 69 36.06 -14.08 -3.68
N GLU A 70 35.70 -14.50 -2.47
CA GLU A 70 36.65 -15.09 -1.53
C GLU A 70 36.74 -16.60 -1.65
N GLY A 71 35.99 -17.21 -2.58
CA GLY A 71 36.02 -18.65 -2.76
C GLY A 71 35.48 -19.44 -1.58
N GLU A 72 34.62 -18.83 -0.75
CA GLU A 72 34.13 -19.45 0.48
C GLU A 72 32.78 -20.13 0.31
N VAL A 73 32.16 -19.95 -0.84
CA VAL A 73 30.85 -20.48 -1.18
C VAL A 73 30.98 -20.96 -2.63
N VAL A 74 30.01 -21.75 -3.09
CA VAL A 74 30.06 -22.28 -4.44
C VAL A 74 30.08 -21.19 -5.50
N PRO A 75 31.09 -21.13 -6.37
CA PRO A 75 31.08 -20.13 -7.45
C PRO A 75 29.86 -20.25 -8.35
N GLY A 76 29.30 -19.11 -8.74
CA GLY A 76 28.20 -19.11 -9.70
C GLY A 76 26.82 -19.43 -9.15
N SER A 77 26.69 -19.60 -7.83
CA SER A 77 25.44 -20.02 -7.21
C SER A 77 24.53 -18.87 -6.79
N ARG A 78 24.97 -17.63 -6.94
CA ARG A 78 24.26 -16.50 -6.38
C ARG A 78 23.01 -16.15 -7.17
N PHE A 79 21.92 -15.88 -6.47
CA PHE A 79 20.71 -15.38 -7.11
C PHE A 79 19.91 -14.54 -6.11
N THR A 80 18.96 -13.77 -6.64
CA THR A 80 18.09 -12.94 -5.78
C THR A 80 16.84 -13.75 -5.43
N TYR A 81 16.67 -14.08 -4.15
CA TYR A 81 15.52 -14.87 -3.73
C TYR A 81 14.33 -14.01 -3.29
N ALA A 82 14.56 -12.76 -2.94
CA ALA A 82 13.50 -11.83 -2.56
C ALA A 82 13.99 -10.42 -2.76
N ILE A 83 13.06 -9.51 -3.07
CA ILE A 83 13.35 -8.09 -3.18
C ILE A 83 12.58 -7.36 -2.09
N GLY A 84 13.30 -6.69 -1.22
CA GLY A 84 12.65 -5.97 -0.14
C GLY A 84 11.88 -4.78 -0.66
N THR A 85 10.92 -4.35 0.15
CA THR A 85 10.14 -3.16 -0.11
C THR A 85 10.31 -2.16 1.03
N LEU A 86 10.48 -0.90 0.66
CA LEU A 86 10.65 0.18 1.63
C LEU A 86 9.30 0.79 1.97
N ALA A 87 9.08 1.05 3.25
CA ALA A 87 7.84 1.66 3.71
C ALA A 87 8.16 2.81 4.65
N LEU A 88 7.38 3.87 4.53
CA LEU A 88 7.34 4.92 5.53
C LEU A 88 6.26 4.57 6.53
N TRP A 89 6.62 4.43 7.80
CA TRP A 89 5.68 3.86 8.76
C TRP A 89 5.67 4.66 10.06
N SER A 90 4.51 4.70 10.69
CA SER A 90 4.31 5.19 12.04
C SER A 90 3.47 4.18 12.80
N PRO A 91 3.72 4.00 14.11
CA PRO A 91 2.81 3.19 14.91
C PRO A 91 1.46 3.86 15.13
N LYS A 92 1.36 5.16 14.91
CA LYS A 92 0.10 5.88 15.07
C LYS A 92 -0.82 5.60 13.89
N ALA A 93 -2.05 5.18 14.19
CA ALA A 93 -3.04 5.01 13.14
C ALA A 93 -3.32 6.36 12.49
N GLY A 94 -3.41 6.36 11.16
CA GLY A 94 -3.77 7.60 10.49
C GLY A 94 -2.73 8.71 10.55
N TYR A 95 -1.52 8.46 11.06
CA TYR A 95 -0.49 9.48 11.00
C TYR A 95 0.09 9.61 9.60
N VAL A 96 0.31 8.48 8.94
CA VAL A 96 0.83 8.44 7.57
C VAL A 96 -0.34 8.27 6.60
N ASP A 97 -0.51 9.26 5.73
CA ASP A 97 -1.52 9.22 4.68
C ASP A 97 -1.07 8.31 3.53
N ALA A 98 -2.04 7.96 2.67
CA ALA A 98 -1.84 6.86 1.73
C ALA A 98 -0.75 7.11 0.71
N GLU A 99 -0.47 8.37 0.38
CA GLU A 99 0.54 8.69 -0.62
C GLU A 99 1.78 9.35 -0.01
N GLY A 100 1.89 9.32 1.33
CA GLY A 100 3.11 9.77 1.99
C GLY A 100 3.27 11.27 2.02
N GLU A 101 2.19 12.04 1.88
CA GLU A 101 2.33 13.49 1.90
C GLU A 101 2.87 14.01 3.23
N VAL A 102 2.74 13.25 4.34
CA VAL A 102 3.31 13.72 5.59
C VAL A 102 4.83 13.85 5.47
N LEU A 103 5.47 12.92 4.78
CA LEU A 103 6.92 12.99 4.59
C LEU A 103 7.28 14.15 3.65
N LYS A 104 6.53 14.28 2.57
CA LYS A 104 6.87 15.20 1.50
C LYS A 104 6.66 16.64 1.94
N SER A 105 5.77 16.87 2.90
N SER A 105 5.76 16.84 2.91
CA SER A 105 5.57 18.21 3.44
CA SER A 105 5.50 18.15 3.49
C SER A 105 6.73 18.62 4.34
C SER A 105 6.63 18.61 4.41
N GLY A 106 7.31 17.67 5.06
CA GLY A 106 8.28 17.95 6.09
C GLY A 106 7.66 18.25 7.45
N SER A 107 6.36 17.99 7.62
CA SER A 107 5.63 18.34 8.85
C SER A 107 5.66 17.20 9.87
N PHE A 108 6.82 17.05 10.53
CA PHE A 108 7.08 16.02 11.53
C PHE A 108 8.37 16.40 12.26
N ARG A 109 8.61 15.80 13.43
CA ARG A 109 9.78 16.19 14.21
C ARG A 109 11.03 15.37 13.91
N HIS A 110 10.91 14.04 13.78
CA HIS A 110 12.07 13.19 13.54
C HIS A 110 11.70 12.04 12.62
N LEU A 111 12.65 11.64 11.78
CA LEU A 111 12.50 10.52 10.86
C LEU A 111 13.63 9.51 11.09
N SER A 112 13.26 8.28 11.42
CA SER A 112 14.22 7.21 11.71
C SER A 112 14.61 6.48 10.42
N ILE A 113 15.92 6.35 10.17
CA ILE A 113 16.39 5.57 9.03
C ILE A 113 17.57 4.72 9.46
N ALA A 114 17.89 3.72 8.63
CA ALA A 114 19.11 2.94 8.81
C ALA A 114 20.25 3.61 8.07
N ASN A 115 21.47 3.34 8.53
CA ASN A 115 22.69 3.87 7.93
C ASN A 115 22.82 3.36 6.50
N PRO A 116 22.87 4.24 5.50
CA PRO A 116 22.91 3.74 4.10
C PRO A 116 24.21 3.04 3.73
N LYS A 117 25.29 3.28 4.45
CA LYS A 117 26.56 2.68 4.07
C LYS A 117 26.56 1.17 4.26
N THR A 118 25.75 0.66 5.17
CA THR A 118 25.76 -0.75 5.52
C THR A 118 24.42 -1.44 5.40
N ALA A 119 23.31 -0.70 5.40
CA ALA A 119 21.98 -1.30 5.43
C ALA A 119 21.28 -1.09 4.11
N PRO A 120 20.95 -2.13 3.33
CA PRO A 120 20.24 -1.89 2.07
C PRO A 120 18.94 -1.12 2.21
N TYR A 121 18.18 -1.32 3.29
CA TYR A 121 16.95 -0.56 3.46
C TYR A 121 17.21 0.89 3.87
N GLY A 122 18.41 1.19 4.38
CA GLY A 122 18.84 2.54 4.63
C GLY A 122 19.22 3.24 3.33
N LEU A 123 19.98 2.53 2.48
CA LEU A 123 20.31 3.08 1.16
C LEU A 123 19.06 3.39 0.36
N ALA A 124 18.07 2.50 0.39
CA ALA A 124 16.83 2.75 -0.32
C ALA A 124 16.17 4.05 0.15
N ALA A 125 16.18 4.28 1.47
CA ALA A 125 15.59 5.49 2.06
C ALA A 125 16.32 6.74 1.57
N THR A 126 17.65 6.72 1.63
CA THR A 126 18.39 7.92 1.19
C THR A 126 18.26 8.12 -0.32
N GLN A 127 18.22 7.03 -1.09
CA GLN A 127 17.98 7.16 -2.52
C GLN A 127 16.61 7.78 -2.80
N ALA A 128 15.58 7.35 -2.06
CA ALA A 128 14.25 7.90 -2.27
C ALA A 128 14.20 9.39 -1.89
N MET A 129 14.78 9.74 -0.76
CA MET A 129 14.82 11.15 -0.37
C MET A 129 15.58 11.98 -1.39
N ASP A 130 16.70 11.45 -1.90
CA ASP A 130 17.44 12.18 -2.91
C ASP A 130 16.60 12.39 -4.16
N LYS A 131 15.89 11.34 -4.61
CA LYS A 131 15.11 11.48 -5.83
C LYS A 131 13.99 12.49 -5.67
N LEU A 132 13.43 12.60 -4.47
CA LEU A 132 12.37 13.56 -4.19
C LEU A 132 12.89 14.94 -3.83
N GLY A 133 14.20 15.13 -3.75
CA GLY A 133 14.72 16.44 -3.41
C GLY A 133 14.56 16.78 -1.95
N LEU A 134 14.53 15.77 -1.06
CA LEU A 134 14.21 15.98 0.34
C LEU A 134 15.40 15.80 1.27
N ALA A 135 16.55 15.38 0.74
CA ALA A 135 17.67 15.05 1.60
C ALA A 135 18.13 16.25 2.43
N ALA A 136 18.28 17.42 1.80
CA ALA A 136 18.89 18.54 2.51
C ALA A 136 17.92 19.18 3.50
N THR A 137 16.66 19.31 3.11
CA THR A 137 15.68 19.99 3.97
C THR A 137 15.21 19.09 5.11
N LEU A 138 15.23 17.77 4.91
CA LEU A 138 14.86 16.86 6.00
C LEU A 138 16.06 16.41 6.83
N GLY A 139 17.28 16.67 6.36
CA GLY A 139 18.48 16.22 7.04
C GLY A 139 18.49 16.42 8.55
N PRO A 140 18.17 17.64 9.01
CA PRO A 140 18.20 17.89 10.47
C PRO A 140 17.21 17.06 11.27
N LYS A 141 16.24 16.43 10.63
CA LYS A 141 15.25 15.63 11.32
C LYS A 141 15.60 14.15 11.37
N LEU A 142 16.67 13.74 10.67
CA LEU A 142 17.01 12.33 10.55
C LEU A 142 17.60 11.80 11.86
N VAL A 143 17.22 10.57 12.20
CA VAL A 143 17.85 9.78 13.24
C VAL A 143 18.36 8.52 12.56
N GLU A 144 19.67 8.24 12.68
CA GLU A 144 20.29 7.14 11.95
C GLU A 144 20.69 6.02 12.91
N GLY A 145 20.23 4.80 12.58
CA GLY A 145 20.61 3.59 13.28
C GLY A 145 21.55 2.73 12.45
N GLN A 146 22.16 1.74 13.12
CA GLN A 146 23.15 0.90 12.46
C GLN A 146 22.52 -0.03 11.44
N ASN A 147 21.25 -0.38 11.62
CA ASN A 147 20.60 -1.33 10.73
C ASN A 147 19.10 -1.07 10.74
N ILE A 148 18.37 -1.84 9.92
CA ILE A 148 16.94 -1.61 9.76
C ILE A 148 16.15 -2.05 11.00
N SER A 149 16.69 -3.00 11.79
CA SER A 149 16.02 -3.36 13.05
C SER A 149 15.99 -2.16 14.01
N GLN A 150 17.14 -1.49 14.17
CA GLN A 150 17.17 -0.29 15.01
C GLN A 150 16.29 0.81 14.46
N ALA A 151 16.31 1.00 13.13
CA ALA A 151 15.51 2.07 12.55
C ALA A 151 14.04 1.89 12.89
N TYR A 152 13.56 0.64 12.77
CA TYR A 152 12.17 0.30 13.09
C TYR A 152 11.88 0.46 14.57
N GLN A 153 12.80 -0.01 15.43
CA GLN A 153 12.55 0.06 16.86
C GLN A 153 12.44 1.50 17.31
N PHE A 154 13.19 2.40 16.70
CA PHE A 154 13.19 3.78 17.18
C PHE A 154 11.86 4.47 16.93
N VAL A 155 11.13 4.06 15.88
CA VAL A 155 9.84 4.69 15.65
C VAL A 155 8.86 4.25 16.74
N SER A 156 9.10 3.10 17.40
CA SER A 156 8.29 2.65 18.53
C SER A 156 8.76 3.13 19.91
N SER A 157 9.98 2.78 20.30
CA SER A 157 10.45 3.05 21.66
C SER A 157 11.28 4.34 21.78
N GLY A 158 11.65 4.93 20.65
CA GLY A 158 12.32 6.20 20.65
C GLY A 158 11.34 7.29 20.25
N ASN A 159 11.89 8.48 20.05
CA ASN A 159 11.02 9.64 19.81
C ASN A 159 10.94 10.01 18.34
N ALA A 160 10.85 9.07 17.40
CA ALA A 160 10.54 9.43 16.03
C ALA A 160 9.13 9.00 15.69
N GLU A 161 8.37 9.90 15.07
CA GLU A 161 6.99 9.61 14.68
C GLU A 161 6.94 8.83 13.38
N LEU A 162 8.00 8.91 12.59
CA LEU A 162 8.09 8.29 11.28
C LEU A 162 9.38 7.52 11.17
N GLY A 163 9.36 6.48 10.36
CA GLY A 163 10.59 5.80 10.01
C GLY A 163 10.49 5.18 8.65
N PHE A 164 11.63 5.04 7.99
CA PHE A 164 11.75 4.24 6.76
C PHE A 164 12.17 2.85 7.19
N VAL A 165 11.25 1.89 7.07
CA VAL A 165 11.43 0.56 7.58
C VAL A 165 11.25 -0.41 6.42
N ALA A 166 11.59 -1.68 6.68
CA ALA A 166 11.29 -2.75 5.75
C ALA A 166 9.82 -3.09 5.83
N LEU A 167 9.18 -3.24 4.68
CA LEU A 167 7.77 -3.62 4.71
C LEU A 167 7.59 -4.90 5.49
N SER A 168 8.57 -5.82 5.40
CA SER A 168 8.47 -7.10 6.07
C SER A 168 8.39 -6.95 7.59
N GLN A 169 8.86 -5.82 8.12
CA GLN A 169 8.79 -5.57 9.56
C GLN A 169 7.40 -5.19 10.05
N ILE A 170 6.52 -4.75 9.15
CA ILE A 170 5.22 -4.22 9.54
C ILE A 170 4.07 -4.99 8.93
N TYR A 171 4.37 -6.01 8.12
CA TYR A 171 3.39 -6.80 7.40
C TYR A 171 2.98 -8.02 8.20
N LYS A 172 1.72 -8.38 8.09
CA LYS A 172 1.25 -9.69 8.54
C LYS A 172 0.13 -10.09 7.60
N ASP A 173 0.21 -11.31 7.08
CA ASP A 173 -0.87 -11.86 6.26
C ASP A 173 -1.21 -10.96 5.07
N GLY A 174 -0.18 -10.37 4.45
CA GLY A 174 -0.36 -9.62 3.24
C GLY A 174 -0.82 -8.19 3.41
N LYS A 175 -0.74 -7.63 4.62
CA LYS A 175 -1.10 -6.24 4.78
C LYS A 175 -0.39 -5.66 6.00
N VAL A 176 -0.31 -4.32 6.02
CA VAL A 176 0.24 -3.64 7.18
C VAL A 176 -0.62 -3.96 8.38
N ALA A 177 0.01 -4.46 9.45
CA ALA A 177 -0.72 -5.04 10.57
C ALA A 177 -1.15 -4.01 11.59
N THR A 178 -0.38 -2.95 11.78
CA THR A 178 -0.70 -1.93 12.77
C THR A 178 -0.04 -0.63 12.36
N GLY A 179 -0.53 0.48 12.94
CA GLY A 179 -0.01 1.80 12.59
C GLY A 179 -0.45 2.20 11.19
N SER A 180 0.37 3.02 10.53
CA SER A 180 0.02 3.50 9.20
C SER A 180 1.28 3.62 8.36
N ALA A 181 1.14 3.38 7.05
CA ALA A 181 2.32 3.33 6.18
C ALA A 181 2.04 3.86 4.78
N TRP A 182 3.12 4.33 4.16
CA TRP A 182 3.19 4.64 2.73
C TRP A 182 4.21 3.70 2.13
N ILE A 183 3.78 2.87 1.18
CA ILE A 183 4.71 1.94 0.54
C ILE A 183 5.43 2.69 -0.56
N VAL A 184 6.76 2.70 -0.50
CA VAL A 184 7.53 3.55 -1.40
C VAL A 184 7.52 2.94 -2.80
N PRO A 185 7.20 3.70 -3.85
CA PRO A 185 7.26 3.16 -5.22
C PRO A 185 8.66 2.71 -5.59
N THR A 186 8.71 1.67 -6.45
CA THR A 186 9.98 1.06 -6.84
C THR A 186 10.86 2.04 -7.60
N GLU A 187 10.26 3.02 -8.28
CA GLU A 187 11.03 3.96 -9.08
C GLU A 187 11.92 4.87 -8.24
N LEU A 188 11.68 4.96 -6.94
CA LEU A 188 12.42 5.93 -6.12
C LEU A 188 13.73 5.40 -5.57
N HIS A 189 14.08 4.13 -5.80
CA HIS A 189 15.33 3.59 -5.30
C HIS A 189 15.70 2.36 -6.10
N ASP A 190 16.97 1.95 -5.96
CA ASP A 190 17.43 0.72 -6.56
C ASP A 190 16.80 -0.49 -5.86
N PRO A 191 16.68 -1.61 -6.57
CA PRO A 191 16.04 -2.79 -5.94
C PRO A 191 16.80 -3.21 -4.69
N ILE A 192 16.06 -3.56 -3.64
CA ILE A 192 16.65 -4.00 -2.36
C ILE A 192 16.81 -5.50 -2.48
N ARG A 193 17.86 -5.93 -3.18
CA ARG A 193 18.03 -7.34 -3.50
C ARG A 193 18.54 -8.12 -2.29
N GLN A 194 17.87 -9.24 -1.98
CA GLN A 194 18.29 -10.17 -0.92
C GLN A 194 18.69 -11.45 -1.64
N ASP A 195 19.97 -11.78 -1.59
CA ASP A 195 20.56 -12.83 -2.40
C ASP A 195 20.94 -14.05 -1.56
N ALA A 196 20.86 -15.20 -2.20
CA ALA A 196 21.24 -16.48 -1.63
C ALA A 196 22.43 -17.06 -2.39
N VAL A 197 23.16 -17.96 -1.71
CA VAL A 197 24.27 -18.70 -2.30
C VAL A 197 24.26 -20.11 -1.72
N ILE A 198 24.84 -21.04 -2.46
CA ILE A 198 25.11 -22.39 -1.99
C ILE A 198 26.55 -22.40 -1.48
N LEU A 199 26.75 -22.94 -0.29
CA LEU A 199 28.09 -22.87 0.26
C LEU A 199 28.89 -24.08 -0.21
N ASN A 200 30.22 -23.94 -0.19
CA ASN A 200 31.10 -25.01 -0.64
C ASN A 200 30.63 -26.35 -0.09
N LYS A 201 30.08 -26.33 1.13
CA LYS A 201 29.65 -27.58 1.76
C LYS A 201 28.51 -28.23 1.00
N GLY A 202 27.64 -27.44 0.38
CA GLY A 202 26.47 -27.87 -0.36
C GLY A 202 26.66 -28.10 -1.85
N LYS A 203 27.89 -28.05 -2.34
CA LYS A 203 28.14 -28.12 -3.78
C LYS A 203 27.47 -29.35 -4.40
N ASP A 204 27.68 -30.53 -3.82
CA ASP A 204 27.12 -31.77 -4.30
C ASP A 204 25.97 -32.25 -3.43
N ASN A 205 25.26 -31.32 -2.78
CA ASN A 205 24.19 -31.69 -1.86
C ASN A 205 22.84 -31.50 -2.55
N ALA A 206 22.13 -32.61 -2.76
CA ALA A 206 20.84 -32.56 -3.45
C ALA A 206 19.85 -31.69 -2.70
N ALA A 207 19.86 -31.78 -1.37
CA ALA A 207 18.90 -31.03 -0.56
C ALA A 207 19.14 -29.54 -0.67
N ALA A 208 20.40 -29.11 -0.74
CA ALA A 208 20.68 -27.69 -0.92
C ALA A 208 20.10 -27.21 -2.24
N LYS A 209 20.39 -27.91 -3.34
CA LYS A 209 19.87 -27.53 -4.65
C LYS A 209 18.34 -27.55 -4.66
N ALA A 210 17.72 -28.58 -4.09
CA ALA A 210 16.26 -28.61 -4.02
C ALA A 210 15.69 -27.38 -3.32
N LEU A 211 16.30 -26.95 -2.21
CA LEU A 211 15.80 -25.77 -1.49
C LEU A 211 15.91 -24.52 -2.35
N VAL A 212 17.07 -24.32 -2.96
CA VAL A 212 17.30 -23.12 -3.76
C VAL A 212 16.33 -23.06 -4.93
N ASP A 213 16.07 -24.20 -5.58
CA ASP A 213 15.12 -24.17 -6.68
C ASP A 213 13.69 -24.06 -6.18
N TYR A 214 13.38 -24.66 -5.03
CA TYR A 214 12.07 -24.45 -4.42
C TYR A 214 11.80 -22.96 -4.23
N LEU A 215 12.81 -22.22 -3.77
CA LEU A 215 12.64 -20.78 -3.55
C LEU A 215 12.29 -20.06 -4.84
N LYS A 216 12.62 -20.64 -5.98
CA LYS A 216 12.36 -20.05 -7.28
C LYS A 216 11.01 -20.46 -7.84
N GLY A 217 10.23 -21.25 -7.09
CA GLY A 217 8.99 -21.79 -7.57
C GLY A 217 7.76 -20.98 -7.15
N ALA A 218 6.60 -21.43 -7.64
CA ALA A 218 5.38 -20.64 -7.52
C ALA A 218 4.83 -20.65 -6.09
N LYS A 219 4.91 -21.79 -5.40
CA LYS A 219 4.48 -21.83 -4.00
C LYS A 219 5.32 -20.88 -3.16
N ALA A 220 6.64 -20.93 -3.31
CA ALA A 220 7.48 -20.02 -2.54
C ALA A 220 7.16 -18.57 -2.88
N ALA A 221 6.97 -18.28 -4.15
CA ALA A 221 6.66 -16.91 -4.56
C ALA A 221 5.44 -16.37 -3.83
N ALA A 222 4.41 -17.22 -3.66
CA ALA A 222 3.18 -16.75 -3.03
C ALA A 222 3.39 -16.44 -1.56
N LEU A 223 4.12 -17.28 -0.84
CA LEU A 223 4.44 -16.94 0.54
C LEU A 223 5.28 -15.69 0.61
N ILE A 224 6.26 -15.58 -0.27
CA ILE A 224 7.19 -14.46 -0.20
C ILE A 224 6.45 -13.13 -0.36
N LYS A 225 5.50 -13.06 -1.30
CA LYS A 225 4.71 -11.84 -1.48
C LYS A 225 3.91 -11.49 -0.24
N SER A 226 3.32 -12.49 0.40
CA SER A 226 2.45 -12.24 1.53
C SER A 226 3.22 -11.73 2.74
N TYR A 227 4.53 -11.92 2.78
CA TYR A 227 5.33 -11.44 3.89
C TYR A 227 5.95 -10.08 3.63
N GLY A 228 5.62 -9.42 2.53
CA GLY A 228 6.05 -8.06 2.28
C GLY A 228 7.23 -7.90 1.34
N TYR A 229 7.41 -8.81 0.39
CA TYR A 229 8.52 -8.71 -0.57
C TYR A 229 7.98 -8.74 -2.00
N GLU A 230 8.86 -8.41 -2.93
CA GLU A 230 8.65 -8.64 -4.36
C GLU A 230 9.53 -9.80 -4.79
N LEU A 231 9.21 -10.41 -5.92
CA LEU A 231 9.96 -11.58 -6.35
C LEU A 231 11.01 -11.15 -7.36
N ASP B 4 -30.38 22.75 14.10
CA ASP B 4 -31.11 22.13 13.00
C ASP B 4 -30.26 21.08 12.27
N GLU B 5 -30.94 20.22 11.52
CA GLU B 5 -30.28 19.18 10.74
C GLU B 5 -30.06 19.61 9.30
N VAL B 6 -29.14 18.89 8.65
CA VAL B 6 -28.85 19.09 7.23
C VAL B 6 -28.97 17.74 6.54
N GLN B 7 -29.73 17.70 5.45
CA GLN B 7 -29.89 16.51 4.62
C GLN B 7 -28.80 16.49 3.56
N VAL B 8 -28.06 15.41 3.48
CA VAL B 8 -26.89 15.31 2.62
C VAL B 8 -27.02 14.06 1.75
N ALA B 9 -26.79 14.22 0.45
CA ALA B 9 -26.64 13.09 -0.45
C ALA B 9 -25.15 12.81 -0.59
N VAL B 10 -24.74 11.57 -0.32
CA VAL B 10 -23.30 11.23 -0.22
C VAL B 10 -22.97 10.08 -1.18
N ALA B 11 -22.04 10.32 -2.08
CA ALA B 11 -21.54 9.22 -2.92
C ALA B 11 -21.09 8.04 -2.07
N ALA B 12 -21.50 6.84 -2.48
CA ALA B 12 -21.34 5.68 -1.62
C ALA B 12 -19.89 5.38 -1.26
N ASN B 13 -18.92 5.73 -2.11
CA ASN B 13 -17.52 5.50 -1.72
C ASN B 13 -17.16 6.26 -0.45
N PHE B 14 -17.87 7.34 -0.15
CA PHE B 14 -17.54 8.24 0.96
C PHE B 14 -18.40 7.98 2.19
N THR B 15 -19.06 6.82 2.25
CA THR B 15 -19.98 6.50 3.34
C THR B 15 -19.26 6.47 4.68
N ALA B 16 -18.19 5.68 4.79
CA ALA B 16 -17.52 5.55 6.08
C ALA B 16 -16.96 6.89 6.54
N PRO B 17 -16.29 7.68 5.71
CA PRO B 17 -15.83 8.99 6.19
C PRO B 17 -16.97 9.90 6.64
N ILE B 18 -18.09 9.92 5.95
CA ILE B 18 -19.13 10.86 6.37
C ILE B 18 -19.78 10.39 7.66
N GLN B 19 -19.81 9.07 7.90
CA GLN B 19 -20.30 8.59 9.18
C GLN B 19 -19.44 9.11 10.32
N ALA B 20 -18.13 9.10 10.12
CA ALA B 20 -17.22 9.58 11.16
C ALA B 20 -17.32 11.09 11.30
N ILE B 21 -17.38 11.79 10.17
CA ILE B 21 -17.52 13.25 10.18
C ILE B 21 -18.81 13.64 10.87
N ALA B 22 -19.89 12.92 10.57
CA ALA B 22 -21.19 13.27 11.15
C ALA B 22 -21.13 13.24 12.67
N LYS B 23 -20.44 12.25 13.24
CA LYS B 23 -20.38 12.14 14.70
C LYS B 23 -19.68 13.35 15.29
N GLU B 24 -18.51 13.72 14.74
CA GLU B 24 -17.76 14.86 15.25
C GLU B 24 -18.48 16.18 14.98
N PHE B 25 -19.10 16.30 13.80
CA PHE B 25 -19.84 17.51 13.47
C PHE B 25 -20.95 17.75 14.48
N GLU B 26 -21.63 16.69 14.90
CA GLU B 26 -22.71 16.84 15.87
C GLU B 26 -22.17 17.17 17.25
N LYS B 27 -21.02 16.58 17.64
CA LYS B 27 -20.44 16.91 18.95
C LYS B 27 -19.95 18.34 19.01
N ASP B 28 -19.46 18.88 17.89
CA ASP B 28 -18.80 20.16 17.87
C ASP B 28 -19.72 21.32 17.53
N THR B 29 -20.86 21.06 16.90
CA THR B 29 -21.79 22.12 16.50
C THR B 29 -23.22 21.90 16.96
N GLY B 30 -23.61 20.70 17.37
CA GLY B 30 -25.00 20.40 17.63
C GLY B 30 -25.88 20.18 16.41
N HIS B 31 -25.40 20.49 15.20
CA HIS B 31 -26.18 20.20 14.00
C HIS B 31 -26.16 18.70 13.69
N ARG B 32 -27.33 18.15 13.37
CA ARG B 32 -27.44 16.76 12.95
C ARG B 32 -27.19 16.64 11.44
N LEU B 33 -26.37 15.68 11.05
CA LEU B 33 -26.12 15.38 9.65
C LEU B 33 -26.93 14.13 9.29
N VAL B 34 -27.87 14.27 8.36
CA VAL B 34 -28.71 13.14 7.93
C VAL B 34 -28.31 12.81 6.50
N ALA B 35 -27.60 11.71 6.34
CA ALA B 35 -26.99 11.33 5.07
C ALA B 35 -27.76 10.20 4.43
N ALA B 36 -27.86 10.25 3.11
CA ALA B 36 -28.20 9.10 2.29
C ALA B 36 -26.95 8.72 1.50
N TYR B 37 -26.70 7.43 1.34
CA TYR B 37 -25.51 6.93 0.67
C TYR B 37 -25.96 6.27 -0.63
N GLY B 38 -25.34 6.64 -1.74
CA GLY B 38 -25.83 6.11 -3.00
C GLY B 38 -24.99 6.53 -4.17
N ALA B 39 -25.47 6.18 -5.36
CA ALA B 39 -24.75 6.50 -6.58
C ALA B 39 -25.00 7.92 -7.03
N THR B 40 -23.92 8.56 -7.50
CA THR B 40 -23.97 9.95 -7.94
C THR B 40 -25.04 10.15 -9.01
N GLY B 41 -25.09 9.27 -10.01
CA GLY B 41 -26.04 9.48 -11.09
C GLY B 41 -27.49 9.35 -10.65
N GLN B 42 -27.77 8.47 -9.68
CA GLN B 42 -29.15 8.39 -9.21
C GLN B 42 -29.49 9.57 -8.31
N PHE B 43 -28.53 10.10 -7.55
CA PHE B 43 -28.81 11.32 -6.81
C PHE B 43 -29.08 12.50 -7.75
N TYR B 44 -28.37 12.56 -8.88
CA TYR B 44 -28.64 13.60 -9.86
C TYR B 44 -30.11 13.56 -10.29
N THR B 45 -30.58 12.38 -10.65
CA THR B 45 -31.97 12.22 -11.07
C THR B 45 -32.93 12.60 -9.94
N GLN B 46 -32.60 12.20 -8.71
CA GLN B 46 -33.49 12.51 -7.60
C GLN B 46 -33.54 14.01 -7.34
N ILE B 47 -32.38 14.67 -7.37
CA ILE B 47 -32.34 16.11 -7.13
C ILE B 47 -33.14 16.84 -8.22
N LYS B 48 -32.97 16.42 -9.47
CA LYS B 48 -33.76 17.01 -10.56
C LYS B 48 -35.24 16.84 -10.32
N ASN B 49 -35.68 15.67 -9.87
CA ASN B 49 -37.11 15.42 -9.71
C ASN B 49 -37.68 16.06 -8.46
N GLY B 50 -36.84 16.60 -7.58
CA GLY B 50 -37.32 17.16 -6.34
C GLY B 50 -36.95 16.20 -5.24
N ALA B 51 -35.99 16.59 -4.41
CA ALA B 51 -35.47 15.76 -3.35
C ALA B 51 -35.21 16.66 -2.16
N PRO B 52 -35.11 16.10 -0.96
CA PRO B 52 -34.93 16.93 0.23
C PRO B 52 -33.50 17.33 0.52
N PHE B 53 -32.54 16.92 -0.31
CA PHE B 53 -31.16 17.14 0.04
C PHE B 53 -30.81 18.62 -0.02
N GLN B 54 -29.96 19.05 0.88
CA GLN B 54 -29.49 20.42 0.94
C GLN B 54 -28.02 20.55 0.56
N VAL B 55 -27.26 19.46 0.70
CA VAL B 55 -25.84 19.40 0.35
C VAL B 55 -25.62 18.09 -0.41
N PHE B 56 -24.75 18.12 -1.43
CA PHE B 56 -24.47 16.95 -2.25
C PHE B 56 -22.96 16.74 -2.31
N LEU B 57 -22.50 15.59 -1.84
CA LEU B 57 -21.10 15.17 -1.96
C LEU B 57 -21.05 14.14 -3.09
N SER B 58 -20.62 14.60 -4.27
CA SER B 58 -20.58 13.80 -5.49
C SER B 58 -19.33 12.94 -5.55
N ALA B 59 -19.36 11.94 -6.43
CA ALA B 59 -18.17 11.15 -6.70
C ALA B 59 -17.31 11.77 -7.78
N ASP B 60 -17.75 12.87 -8.37
CA ASP B 60 -17.07 13.44 -9.51
C ASP B 60 -17.11 14.96 -9.41
N ASP B 61 -16.63 15.63 -10.47
CA ASP B 61 -16.76 17.07 -10.54
C ASP B 61 -17.73 17.53 -11.62
N SER B 62 -18.11 16.66 -12.56
CA SER B 62 -19.07 17.06 -13.59
C SER B 62 -20.51 17.10 -13.08
N THR B 63 -20.89 16.25 -12.12
CA THR B 63 -22.32 16.23 -11.80
C THR B 63 -22.74 17.49 -11.03
N PRO B 64 -21.94 17.99 -10.09
CA PRO B 64 -22.26 19.31 -9.53
C PRO B 64 -22.31 20.39 -10.61
N ALA B 65 -21.47 20.29 -11.65
CA ALA B 65 -21.49 21.30 -12.69
C ALA B 65 -22.77 21.19 -13.53
N LYS B 66 -23.22 19.96 -13.80
CA LYS B 66 -24.50 19.76 -14.47
C LYS B 66 -25.63 20.38 -13.66
N LEU B 67 -25.61 20.16 -12.35
CA LEU B 67 -26.63 20.74 -11.49
C LEU B 67 -26.54 22.26 -11.48
N GLU B 68 -25.32 22.80 -11.51
CA GLU B 68 -25.20 24.26 -11.54
C GLU B 68 -25.74 24.80 -12.85
N GLN B 69 -25.40 24.17 -13.98
CA GLN B 69 -25.92 24.62 -15.27
C GLN B 69 -27.44 24.59 -15.27
N GLU B 70 -28.04 23.70 -14.48
CA GLU B 70 -29.49 23.60 -14.38
C GLU B 70 -30.09 24.45 -13.28
N GLY B 71 -29.30 25.31 -12.64
CA GLY B 71 -29.86 26.18 -11.62
C GLY B 71 -30.29 25.48 -10.34
N GLU B 72 -29.68 24.34 -10.03
CA GLU B 72 -29.98 23.55 -8.83
C GLU B 72 -29.03 23.80 -7.68
N VAL B 73 -28.07 24.71 -7.84
CA VAL B 73 -26.97 24.87 -6.90
C VAL B 73 -26.83 26.32 -6.49
N VAL B 74 -26.33 26.53 -5.27
CA VAL B 74 -25.96 27.87 -4.82
C VAL B 74 -24.69 28.23 -5.57
N PRO B 75 -24.69 29.26 -6.42
CA PRO B 75 -23.46 29.59 -7.15
C PRO B 75 -22.32 29.90 -6.20
N GLY B 76 -21.14 29.40 -6.55
CA GLY B 76 -19.94 29.61 -5.78
C GLY B 76 -19.76 28.65 -4.62
N SER B 77 -20.66 27.71 -4.44
CA SER B 77 -20.53 26.79 -3.32
C SER B 77 -19.78 25.53 -3.69
N ARG B 78 -19.46 25.33 -4.98
CA ARG B 78 -18.81 24.08 -5.36
C ARG B 78 -17.35 24.08 -4.90
N PHE B 79 -16.92 22.95 -4.34
CA PHE B 79 -15.52 22.79 -3.96
C PHE B 79 -15.18 21.30 -4.01
N THR B 80 -13.88 21.01 -4.04
CA THR B 80 -13.41 19.63 -3.99
C THR B 80 -13.26 19.24 -2.53
N TYR B 81 -14.08 18.31 -2.06
CA TYR B 81 -14.04 17.93 -0.65
C TYR B 81 -13.07 16.78 -0.39
N ALA B 82 -12.72 16.02 -1.43
CA ALA B 82 -11.77 14.92 -1.28
C ALA B 82 -11.20 14.54 -2.65
N ILE B 83 -9.98 14.00 -2.62
CA ILE B 83 -9.32 13.46 -3.80
C ILE B 83 -9.15 11.96 -3.55
N GLY B 84 -9.79 11.15 -4.38
CA GLY B 84 -9.73 9.73 -4.19
C GLY B 84 -8.37 9.15 -4.47
N THR B 85 -8.15 7.98 -3.89
CA THR B 85 -6.95 7.18 -4.13
C THR B 85 -7.39 5.83 -4.68
N LEU B 86 -6.72 5.38 -5.73
CA LEU B 86 -7.02 4.12 -6.37
C LEU B 86 -6.14 3.01 -5.82
N ALA B 87 -6.71 1.80 -5.68
CA ALA B 87 -5.96 0.65 -5.22
C ALA B 87 -6.27 -0.56 -6.08
N LEU B 88 -5.24 -1.36 -6.32
CA LEU B 88 -5.41 -2.70 -6.86
C LEU B 88 -5.57 -3.65 -5.67
N TRP B 89 -6.68 -4.39 -5.63
CA TRP B 89 -7.01 -5.14 -4.43
C TRP B 89 -7.52 -6.53 -4.79
N SER B 90 -7.26 -7.45 -3.87
CA SER B 90 -7.88 -8.75 -3.82
C SER B 90 -8.28 -9.05 -2.38
N PRO B 91 -9.41 -9.74 -2.16
CA PRO B 91 -9.70 -10.21 -0.80
C PRO B 91 -8.76 -11.30 -0.33
N LYS B 92 -8.01 -11.91 -1.24
CA LYS B 92 -7.08 -12.96 -0.86
C LYS B 92 -5.89 -12.32 -0.17
N ALA B 93 -5.55 -12.84 0.99
CA ALA B 93 -4.36 -12.34 1.67
C ALA B 93 -3.16 -12.66 0.80
N GLY B 94 -2.31 -11.68 0.59
CA GLY B 94 -1.07 -11.87 -0.14
C GLY B 94 -1.15 -12.20 -1.63
N TYR B 95 -2.32 -12.18 -2.30
CA TYR B 95 -2.27 -12.37 -3.75
C TYR B 95 -1.73 -11.14 -4.44
N VAL B 96 -2.08 -9.96 -3.95
CA VAL B 96 -1.56 -8.73 -4.51
C VAL B 96 -0.29 -8.37 -3.75
N ASP B 97 0.82 -8.32 -4.46
CA ASP B 97 2.04 -7.83 -3.84
C ASP B 97 1.96 -6.32 -3.69
N ALA B 98 2.76 -5.80 -2.76
CA ALA B 98 2.63 -4.41 -2.34
C ALA B 98 2.96 -3.43 -3.46
N GLU B 99 3.64 -3.87 -4.52
CA GLU B 99 3.93 -2.97 -5.63
C GLU B 99 3.15 -3.29 -6.89
N GLY B 100 2.18 -4.21 -6.82
CA GLY B 100 1.25 -4.46 -7.90
C GLY B 100 1.84 -5.15 -9.10
N GLU B 101 3.01 -5.79 -8.94
CA GLU B 101 3.68 -6.49 -10.03
C GLU B 101 2.89 -7.69 -10.50
N VAL B 102 1.94 -8.16 -9.68
CA VAL B 102 1.07 -9.26 -10.09
C VAL B 102 0.31 -8.93 -11.37
N LEU B 103 0.10 -7.65 -11.67
CA LEU B 103 -0.61 -7.31 -12.92
C LEU B 103 0.10 -7.87 -14.14
N LYS B 104 1.44 -7.83 -14.15
CA LYS B 104 2.18 -8.34 -15.29
C LYS B 104 2.26 -9.85 -15.30
N SER B 105 2.55 -10.46 -14.16
CA SER B 105 2.85 -11.88 -14.11
C SER B 105 1.61 -12.75 -13.88
N GLY B 106 0.64 -12.25 -13.13
CA GLY B 106 -0.42 -13.11 -12.63
C GLY B 106 -1.22 -13.74 -13.76
N SER B 107 -1.77 -14.93 -13.47
CA SER B 107 -2.59 -15.66 -14.42
C SER B 107 -4.08 -15.48 -14.17
N PHE B 108 -4.47 -14.52 -13.34
CA PHE B 108 -5.87 -14.25 -13.12
C PHE B 108 -6.57 -14.07 -14.46
N ARG B 109 -7.82 -14.51 -14.53
CA ARG B 109 -8.58 -14.42 -15.77
C ARG B 109 -9.42 -13.15 -15.84
N HIS B 110 -9.77 -12.55 -14.69
CA HIS B 110 -10.65 -11.38 -14.65
C HIS B 110 -10.15 -10.32 -13.69
N LEU B 111 -10.29 -9.07 -14.14
CA LEU B 111 -9.93 -7.86 -13.40
C LEU B 111 -11.09 -6.89 -13.43
N SER B 112 -11.63 -6.54 -12.25
CA SER B 112 -12.79 -5.66 -12.17
C SER B 112 -12.39 -4.19 -12.16
N ILE B 113 -13.08 -3.37 -12.95
CA ILE B 113 -12.97 -1.91 -12.87
C ILE B 113 -14.37 -1.29 -12.96
N ALA B 114 -14.45 -0.03 -12.59
CA ALA B 114 -15.67 0.73 -12.87
C ALA B 114 -15.61 1.29 -14.29
N ASN B 115 -16.78 1.63 -14.82
CA ASN B 115 -16.86 2.16 -16.18
C ASN B 115 -16.21 3.55 -16.28
N PRO B 116 -15.16 3.71 -17.10
CA PRO B 116 -14.48 5.01 -17.16
C PRO B 116 -15.32 6.12 -17.75
N LYS B 117 -16.38 5.80 -18.48
CA LYS B 117 -17.20 6.85 -19.06
C LYS B 117 -17.93 7.65 -18.00
N THR B 118 -18.20 7.03 -16.84
CA THR B 118 -18.97 7.68 -15.78
C THR B 118 -18.31 7.68 -14.40
N ALA B 119 -17.42 6.74 -14.11
CA ALA B 119 -16.90 6.55 -12.76
C ALA B 119 -15.47 7.06 -12.70
N PRO B 120 -15.17 8.12 -11.93
CA PRO B 120 -13.77 8.57 -11.87
C PRO B 120 -12.80 7.48 -11.44
N TYR B 121 -13.19 6.55 -10.56
CA TYR B 121 -12.25 5.49 -10.21
C TYR B 121 -12.05 4.49 -11.35
N GLY B 122 -13.00 4.43 -12.28
CA GLY B 122 -12.83 3.64 -13.48
C GLY B 122 -11.88 4.30 -14.47
N LEU B 123 -12.07 5.60 -14.68
CA LEU B 123 -11.14 6.33 -15.55
C LEU B 123 -9.73 6.26 -15.01
N ALA B 124 -9.55 6.43 -13.70
CA ALA B 124 -8.23 6.31 -13.09
C ALA B 124 -7.62 4.93 -13.35
N ALA B 125 -8.42 3.86 -13.26
CA ALA B 125 -7.92 2.53 -13.56
C ALA B 125 -7.40 2.41 -14.99
N THR B 126 -8.19 2.85 -15.98
CA THR B 126 -7.72 2.69 -17.36
C THR B 126 -6.50 3.57 -17.61
N GLN B 127 -6.47 4.77 -17.01
CA GLN B 127 -5.31 5.62 -17.17
C GLN B 127 -4.05 4.94 -16.63
N ALA B 128 -4.15 4.33 -15.45
CA ALA B 128 -3.02 3.64 -14.86
C ALA B 128 -2.61 2.40 -15.66
N MET B 129 -3.58 1.58 -16.09
CA MET B 129 -3.23 0.40 -16.86
C MET B 129 -2.52 0.78 -18.15
N ASP B 130 -3.03 1.81 -18.82
CA ASP B 130 -2.44 2.27 -20.08
C ASP B 130 -1.05 2.85 -19.85
N LYS B 131 -0.89 3.67 -18.80
CA LYS B 131 0.40 4.27 -18.54
C LYS B 131 1.44 3.23 -18.13
N LEU B 132 0.99 2.11 -17.54
CA LEU B 132 1.87 1.00 -17.19
C LEU B 132 2.24 0.17 -18.40
N GLY B 133 1.66 0.46 -19.56
CA GLY B 133 1.91 -0.32 -20.77
C GLY B 133 1.23 -1.67 -20.80
N LEU B 134 0.12 -1.80 -20.08
CA LEU B 134 -0.54 -3.08 -19.88
C LEU B 134 -1.90 -3.19 -20.55
N ALA B 135 -2.23 -2.28 -21.48
CA ALA B 135 -3.57 -2.27 -22.07
C ALA B 135 -3.90 -3.62 -22.69
N ALA B 136 -3.00 -4.17 -23.52
CA ALA B 136 -3.27 -5.43 -24.20
C ALA B 136 -3.20 -6.62 -23.24
N THR B 137 -2.41 -6.50 -22.18
CA THR B 137 -2.29 -7.58 -21.22
C THR B 137 -3.53 -7.70 -20.35
N LEU B 138 -4.07 -6.56 -19.92
CA LEU B 138 -5.18 -6.55 -18.97
C LEU B 138 -6.54 -6.34 -19.62
N GLY B 139 -6.57 -5.65 -20.75
CA GLY B 139 -7.81 -5.36 -21.45
C GLY B 139 -8.71 -6.58 -21.64
N PRO B 140 -8.17 -7.66 -22.18
CA PRO B 140 -9.01 -8.85 -22.41
C PRO B 140 -9.61 -9.44 -21.14
N LYS B 141 -9.07 -9.09 -19.96
CA LYS B 141 -9.52 -9.64 -18.69
C LYS B 141 -10.53 -8.75 -17.97
N LEU B 142 -10.81 -7.56 -18.50
CA LEU B 142 -11.60 -6.59 -17.76
C LEU B 142 -13.06 -7.01 -17.68
N VAL B 143 -13.63 -6.79 -16.49
CA VAL B 143 -15.08 -6.84 -16.24
C VAL B 143 -15.46 -5.47 -15.65
N GLU B 144 -16.40 -4.78 -16.29
CA GLU B 144 -16.77 -3.41 -15.91
C GLU B 144 -18.10 -3.35 -15.17
N GLY B 145 -18.09 -2.71 -14.01
CA GLY B 145 -19.30 -2.33 -13.32
C GLY B 145 -19.53 -0.86 -13.57
N GLN B 146 -20.79 -0.41 -13.46
CA GLN B 146 -21.07 0.96 -13.87
C GLN B 146 -20.57 1.96 -12.83
N ASN B 147 -20.44 1.56 -11.56
CA ASN B 147 -19.91 2.44 -10.53
C ASN B 147 -18.96 1.64 -9.65
N ILE B 148 -18.27 2.33 -8.75
CA ILE B 148 -17.17 1.70 -8.04
C ILE B 148 -17.67 0.70 -7.00
N SER B 149 -18.89 0.85 -6.49
CA SER B 149 -19.42 -0.16 -5.58
C SER B 149 -19.59 -1.50 -6.29
N GLN B 150 -20.09 -1.48 -7.52
CA GLN B 150 -20.25 -2.69 -8.31
C GLN B 150 -18.90 -3.33 -8.66
N ALA B 151 -17.94 -2.52 -9.08
CA ALA B 151 -16.62 -3.05 -9.38
C ALA B 151 -16.01 -3.71 -8.17
N TYR B 152 -16.19 -3.10 -6.99
CA TYR B 152 -15.72 -3.71 -5.75
C TYR B 152 -16.41 -5.04 -5.49
N GLN B 153 -17.76 -5.06 -5.62
N GLN B 153 -17.73 -5.10 -5.65
CA GLN B 153 -18.55 -6.30 -5.50
CA GLN B 153 -18.39 -6.36 -5.36
C GLN B 153 -17.90 -7.45 -6.28
C GLN B 153 -17.92 -7.48 -6.29
N PHE B 154 -17.55 -7.17 -7.54
CA PHE B 154 -17.08 -8.23 -8.43
C PHE B 154 -15.78 -8.86 -7.94
N VAL B 155 -14.87 -8.06 -7.38
CA VAL B 155 -13.63 -8.65 -6.86
C VAL B 155 -13.79 -9.17 -5.44
N SER B 156 -14.62 -8.52 -4.62
CA SER B 156 -14.81 -9.02 -3.27
C SER B 156 -15.45 -10.40 -3.28
N SER B 157 -16.33 -10.65 -4.26
CA SER B 157 -17.08 -11.89 -4.32
C SER B 157 -16.31 -13.01 -5.01
N GLY B 158 -15.14 -12.71 -5.57
CA GLY B 158 -14.39 -13.73 -6.26
C GLY B 158 -14.70 -13.88 -7.74
N ASN B 159 -15.63 -13.07 -8.27
CA ASN B 159 -15.94 -13.16 -9.70
C ASN B 159 -14.72 -12.75 -10.51
N ALA B 160 -14.04 -11.71 -10.05
CA ALA B 160 -12.72 -11.35 -10.53
C ALA B 160 -11.70 -11.56 -9.40
N GLU B 161 -10.50 -12.01 -9.75
CA GLU B 161 -9.51 -12.25 -8.70
C GLU B 161 -8.87 -10.96 -8.21
N LEU B 162 -8.91 -9.91 -9.02
CA LEU B 162 -8.32 -8.61 -8.75
C LEU B 162 -9.30 -7.54 -9.20
N GLY B 163 -9.18 -6.36 -8.60
CA GLY B 163 -9.94 -5.22 -9.08
C GLY B 163 -9.26 -3.91 -8.72
N PHE B 164 -9.55 -2.88 -9.51
CA PHE B 164 -9.14 -1.52 -9.17
C PHE B 164 -10.30 -0.89 -8.40
N VAL B 165 -10.09 -0.67 -7.11
CA VAL B 165 -11.16 -0.25 -6.20
C VAL B 165 -10.80 1.11 -5.62
N ALA B 166 -11.78 1.74 -4.98
CA ALA B 166 -11.51 2.96 -4.23
C ALA B 166 -10.83 2.59 -2.92
N LEU B 167 -9.77 3.30 -2.56
CA LEU B 167 -9.06 2.92 -1.34
C LEU B 167 -9.99 2.93 -0.13
N SER B 168 -10.96 3.84 -0.09
CA SER B 168 -11.86 3.92 1.05
C SER B 168 -12.69 2.65 1.23
N GLN B 169 -12.77 1.83 0.19
CA GLN B 169 -13.51 0.58 0.30
C GLN B 169 -12.76 -0.49 1.07
N ILE B 170 -11.44 -0.34 1.24
CA ILE B 170 -10.61 -1.39 1.82
C ILE B 170 -9.71 -0.90 2.95
N TYR B 171 -9.69 0.39 3.23
CA TYR B 171 -8.73 1.05 4.10
C TYR B 171 -9.45 1.86 5.17
N LYS B 172 -8.95 1.77 6.40
CA LYS B 172 -9.45 2.54 7.52
C LYS B 172 -8.34 2.68 8.55
N ASP B 173 -8.41 3.76 9.33
CA ASP B 173 -7.41 4.00 10.37
C ASP B 173 -6.03 4.01 9.74
N GLY B 174 -5.95 4.44 8.50
CA GLY B 174 -4.65 4.57 7.87
C GLY B 174 -4.03 3.30 7.34
N LYS B 175 -4.79 2.19 7.20
CA LYS B 175 -4.19 0.99 6.61
C LYS B 175 -5.26 0.11 5.95
N VAL B 176 -4.78 -0.75 5.04
CA VAL B 176 -5.65 -1.76 4.42
C VAL B 176 -6.12 -2.71 5.49
N ALA B 177 -7.44 -2.89 5.57
CA ALA B 177 -8.07 -3.63 6.65
C ALA B 177 -8.20 -5.12 6.34
N THR B 178 -8.36 -5.50 5.07
CA THR B 178 -8.50 -6.91 4.73
C THR B 178 -8.00 -7.15 3.31
N GLY B 179 -7.67 -8.40 3.02
CA GLY B 179 -7.12 -8.73 1.72
C GLY B 179 -5.71 -8.16 1.54
N SER B 180 -5.37 -7.85 0.31
CA SER B 180 -4.05 -7.32 -0.03
C SER B 180 -4.19 -6.31 -1.14
N ALA B 181 -3.33 -5.28 -1.13
CA ALA B 181 -3.51 -4.20 -2.09
C ALA B 181 -2.18 -3.59 -2.51
N TRP B 182 -2.22 -2.98 -3.68
CA TRP B 182 -1.20 -2.05 -4.15
C TRP B 182 -1.88 -0.69 -4.27
N ILE B 183 -1.39 0.29 -3.50
CA ILE B 183 -1.94 1.63 -3.56
C ILE B 183 -1.32 2.32 -4.76
N VAL B 184 -2.14 2.75 -5.69
CA VAL B 184 -1.65 3.24 -6.98
C VAL B 184 -1.02 4.62 -6.81
N PRO B 185 0.21 4.84 -7.28
CA PRO B 185 0.80 6.17 -7.20
C PRO B 185 0.03 7.22 -8.00
N THR B 186 0.06 8.47 -7.50
CA THR B 186 -0.73 9.53 -8.11
C THR B 186 -0.28 9.81 -9.53
N GLU B 187 1.00 9.55 -9.82
CA GLU B 187 1.51 9.90 -11.14
C GLU B 187 0.87 9.08 -12.25
N LEU B 188 0.23 7.96 -11.93
CA LEU B 188 -0.29 7.07 -12.97
C LEU B 188 -1.69 7.46 -13.46
N HIS B 189 -2.31 8.50 -12.91
CA HIS B 189 -3.63 8.89 -13.38
C HIS B 189 -3.89 10.35 -13.01
N ASP B 190 -4.95 10.91 -13.62
CA ASP B 190 -5.42 12.25 -13.28
C ASP B 190 -6.10 12.25 -11.91
N PRO B 191 -6.16 13.39 -11.24
CA PRO B 191 -6.78 13.42 -9.91
C PRO B 191 -8.24 12.97 -9.93
N ILE B 192 -8.57 12.19 -8.92
CA ILE B 192 -9.93 11.68 -8.73
C ILE B 192 -10.65 12.70 -7.86
N ARG B 193 -11.06 13.81 -8.50
CA ARG B 193 -11.66 14.93 -7.77
C ARG B 193 -13.11 14.62 -7.45
N GLN B 194 -13.48 14.70 -6.16
CA GLN B 194 -14.84 14.50 -5.71
C GLN B 194 -15.34 15.83 -5.15
N ASP B 195 -16.38 16.39 -5.78
CA ASP B 195 -16.81 17.76 -5.51
C ASP B 195 -18.13 17.78 -4.75
N ALA B 196 -18.28 18.78 -3.89
CA ALA B 196 -19.50 19.01 -3.14
C ALA B 196 -20.13 20.33 -3.56
N VAL B 197 -21.44 20.45 -3.33
CA VAL B 197 -22.14 21.71 -3.58
C VAL B 197 -23.25 21.87 -2.55
N ILE B 198 -23.64 23.11 -2.33
CA ILE B 198 -24.87 23.39 -1.61
C ILE B 198 -25.99 23.50 -2.63
N LEU B 199 -27.07 22.74 -2.41
CA LEU B 199 -28.21 22.72 -3.31
C LEU B 199 -29.18 23.83 -2.91
N ASN B 200 -30.07 24.17 -3.83
CA ASN B 200 -31.03 25.25 -3.60
C ASN B 200 -31.69 25.13 -2.24
N LYS B 201 -32.07 23.91 -1.81
CA LYS B 201 -32.70 23.77 -0.50
C LYS B 201 -31.76 24.11 0.64
N GLY B 202 -30.45 24.09 0.42
CA GLY B 202 -29.52 24.47 1.46
C GLY B 202 -29.16 25.94 1.50
N LYS B 203 -29.72 26.74 0.60
CA LYS B 203 -29.43 28.16 0.56
C LYS B 203 -29.87 28.80 1.88
N ASP B 204 -28.99 29.56 2.50
CA ASP B 204 -29.33 30.27 3.74
C ASP B 204 -29.75 29.32 4.85
N ASN B 205 -29.27 28.08 4.82
CA ASN B 205 -29.50 27.08 5.86
C ASN B 205 -28.24 26.98 6.71
N ALA B 206 -28.35 27.31 7.99
CA ALA B 206 -27.17 27.38 8.85
C ALA B 206 -26.45 26.05 8.95
N ALA B 207 -27.20 24.94 9.04
CA ALA B 207 -26.57 23.63 9.19
C ALA B 207 -25.79 23.27 7.94
N ALA B 208 -26.33 23.59 6.77
CA ALA B 208 -25.63 23.34 5.52
C ALA B 208 -24.34 24.15 5.46
N LYS B 209 -24.43 25.45 5.78
CA LYS B 209 -23.23 26.29 5.79
C LYS B 209 -22.21 25.75 6.79
N ALA B 210 -22.66 25.38 7.99
CA ALA B 210 -21.77 24.80 8.98
C ALA B 210 -21.09 23.54 8.48
N LEU B 211 -21.83 22.67 7.78
CA LEU B 211 -21.23 21.44 7.30
C LEU B 211 -20.14 21.73 6.28
N VAL B 212 -20.42 22.62 5.33
CA VAL B 212 -19.42 22.91 4.31
C VAL B 212 -18.16 23.47 4.95
N ASP B 213 -18.31 24.32 5.98
CA ASP B 213 -17.12 24.85 6.66
C ASP B 213 -16.41 23.76 7.42
N TYR B 214 -17.18 22.88 8.07
CA TYR B 214 -16.59 21.78 8.81
C TYR B 214 -15.78 20.88 7.90
N LEU B 215 -16.31 20.59 6.71
CA LEU B 215 -15.61 19.69 5.79
C LEU B 215 -14.25 20.24 5.38
N LYS B 216 -14.07 21.56 5.45
CA LYS B 216 -12.84 22.23 5.05
C LYS B 216 -11.86 22.40 6.21
N GLY B 217 -12.20 21.93 7.40
CA GLY B 217 -11.40 22.13 8.59
C GLY B 217 -10.46 20.96 8.88
N ALA B 218 -9.64 21.15 9.92
CA ALA B 218 -8.54 20.22 10.16
C ALA B 218 -9.03 18.88 10.69
N LYS B 219 -10.06 18.87 11.54
CA LYS B 219 -10.57 17.60 12.06
C LYS B 219 -11.11 16.73 10.93
N ALA B 220 -11.94 17.32 10.06
CA ALA B 220 -12.45 16.56 8.93
C ALA B 220 -11.32 16.11 8.00
N ALA B 221 -10.34 16.98 7.79
CA ALA B 221 -9.21 16.60 6.92
C ALA B 221 -8.54 15.34 7.43
N ALA B 222 -8.35 15.24 8.74
CA ALA B 222 -7.68 14.06 9.31
C ALA B 222 -8.53 12.82 9.15
N LEU B 223 -9.84 12.95 9.38
CA LEU B 223 -10.74 11.83 9.17
C LEU B 223 -10.74 11.40 7.71
N ILE B 224 -10.78 12.37 6.79
CA ILE B 224 -10.81 12.05 5.37
C ILE B 224 -9.55 11.29 4.97
N LYS B 225 -8.39 11.77 5.42
CA LYS B 225 -7.16 11.05 5.10
C LYS B 225 -7.13 9.67 5.74
N SER B 226 -7.78 9.50 6.90
CA SER B 226 -7.70 8.20 7.56
C SER B 226 -8.43 7.12 6.75
N TYR B 227 -9.29 7.52 5.81
CA TYR B 227 -9.95 6.56 4.91
C TYR B 227 -9.29 6.50 3.55
N GLY B 228 -8.09 7.09 3.41
CA GLY B 228 -7.23 6.89 2.27
C GLY B 228 -7.28 7.96 1.20
N TYR B 229 -8.04 9.03 1.40
CA TYR B 229 -8.08 10.14 0.47
C TYR B 229 -6.93 11.09 0.73
N GLU B 230 -6.73 11.98 -0.22
CA GLU B 230 -5.96 13.20 -0.02
C GLU B 230 -6.89 14.40 -0.12
N LEU B 231 -6.32 15.55 0.27
CA LEU B 231 -7.00 16.84 0.48
C LEU B 231 -8.15 16.74 1.47
#